data_2XG9
#
_entry.id   2XG9
#
_cell.length_a   68.582
_cell.length_b   71.237
_cell.length_c   92.304
_cell.angle_alpha   90.00
_cell.angle_beta   90.00
_cell.angle_gamma   90.00
#
_symmetry.space_group_name_H-M   'P 21 21 21'
#
loop_
_entity.id
_entity.type
_entity.pdbx_description
1 polymer BETA-AMYLASE
2 branched alpha-D-glucopyranose-(1-4)-1-DEOXYNOJIRIMYCIN
3 non-polymer 1,2-ETHANEDIOL
4 water water
#
_entity_poly.entity_id   1
_entity_poly.type   'polypeptide(L)'
_entity_poly.pdbx_seq_one_letter_code
;MEVNVKGNYVQVYVMLPLDAVSVNNRFEKGDELRAQLRKLVEAGVDGVMVDVWWGLVEGKGPKAYDWSAYKQLFELVQKA
GLKLQAIMSFHQCGGNVGDAVNIPIPQWVRDVGTRDPDIFYTDGHGTRNIEYLTLGVDNQPLFHGRSAVQMYADYMTSFR
ENMKEFLDAGVIVDIEVGLGPAGEMRYPSYPQSHGWSFPGIGEFICYDKYLQADFKAAAAAVGHPEWEFPNDVGQYNDTP
ERTQFFRDNGTYLSEKGRFFLAWYSNNLIKHGDRILDEANKVFLGYKVQLAIKISGIHWWYKVPSHAAELTAGYYNLHDR
DGYRTIARMLKRHRASINFTCAEMRDSEQSSQAMSAPEELVQQVLSAGWREGLNVACENALPRYDPTAYNTILRNARPHG
INQSGPPEHKLFGFTYLRLSNQLVEGQNYANFKTFVDRMHANLPRDPYVDPMAPLPRSGPEISIEMILQAAQPKLQPFPF
QEHTDLPVGPTGGMGGQAEGPTCGMGGQVKGPTGGMGGQAEDPTSGIGGELPATM
;
_entity_poly.pdbx_strand_id   A
#
loop_
_chem_comp.id
_chem_comp.type
_chem_comp.name
_chem_comp.formula
EDO non-polymer 1,2-ETHANEDIOL 'C2 H6 O2'
GLC D-saccharide, alpha linking alpha-D-glucopyranose 'C6 H12 O6'
NOJ D-saccharide 1-DEOXYNOJIRIMYCIN 'C6 H13 N O4'
#
# COMPACT_ATOMS: atom_id res chain seq x y z
N VAL A 3 -28.44 -24.07 -2.49
CA VAL A 3 -28.05 -22.66 -2.87
C VAL A 3 -27.87 -21.81 -1.63
N ASN A 4 -26.64 -21.34 -1.48
CA ASN A 4 -26.22 -20.47 -0.38
C ASN A 4 -25.02 -19.72 -0.98
N VAL A 5 -25.22 -18.45 -1.28
CA VAL A 5 -24.19 -17.66 -1.93
C VAL A 5 -23.38 -16.79 -0.96
N LYS A 6 -23.56 -16.99 0.36
CA LYS A 6 -22.92 -16.21 1.42
C LYS A 6 -21.39 -16.15 1.32
N GLY A 7 -20.75 -17.30 1.00
CA GLY A 7 -19.29 -17.33 0.85
C GLY A 7 -18.74 -16.43 -0.27
N ASN A 8 -19.62 -15.90 -1.10
CA ASN A 8 -19.25 -14.93 -2.16
C ASN A 8 -19.16 -13.45 -1.76
N TYR A 9 -19.72 -13.12 -0.60
CA TYR A 9 -19.75 -11.73 -0.12
C TYR A 9 -18.33 -11.21 -0.04
N VAL A 10 -18.11 -10.02 -0.65
CA VAL A 10 -16.85 -9.26 -0.50
C VAL A 10 -17.11 -7.97 0.21
N GLN A 11 -16.39 -7.77 1.32
CA GLN A 11 -16.52 -6.53 2.07
C GLN A 11 -16.05 -5.34 1.28
N VAL A 12 -16.75 -4.24 1.47
CA VAL A 12 -16.47 -2.94 0.84
C VAL A 12 -16.25 -1.90 1.94
N TYR A 13 -15.06 -1.30 1.93
CA TYR A 13 -14.68 -0.20 2.76
C TYR A 13 -14.55 1.02 1.89
N VAL A 14 -14.68 2.19 2.53
CA VAL A 14 -14.49 3.45 1.86
C VAL A 14 -13.44 4.28 2.61
N MET A 15 -12.45 4.81 1.88
CA MET A 15 -11.43 5.71 2.46
C MET A 15 -12.05 7.02 2.83
N LEU A 16 -11.71 7.50 4.04
CA LEU A 16 -12.20 8.81 4.43
C LEU A 16 -11.38 9.89 3.68
N PRO A 17 -11.80 11.15 3.75
CA PRO A 17 -10.97 12.22 3.20
C PRO A 17 -9.60 12.28 3.86
N LEU A 18 -8.61 12.73 3.10
CA LEU A 18 -7.24 12.79 3.56
C LEU A 18 -7.04 13.57 4.87
N ASP A 19 -7.82 14.62 5.02
CA ASP A 19 -7.87 15.42 6.24
C ASP A 19 -9.17 15.23 7.06
N ALA A 20 -9.61 13.97 7.17
CA ALA A 20 -10.64 13.58 8.13
C ALA A 20 -10.25 14.20 9.48
N VAL A 21 -8.95 14.15 9.79
CA VAL A 21 -8.41 14.94 10.91
C VAL A 21 -7.67 16.12 10.29
N SER A 22 -7.86 17.32 10.81
CA SER A 22 -7.28 18.51 10.22
C SER A 22 -5.74 18.51 10.25
N VAL A 23 -5.15 19.35 9.39
CA VAL A 23 -3.68 19.52 9.37
C VAL A 23 -3.11 20.03 10.70
N ASN A 24 -3.97 20.53 11.60
CA ASN A 24 -3.61 20.95 12.94
C ASN A 24 -3.92 19.90 14.02
N ASN A 25 -4.21 18.68 13.60
CA ASN A 25 -4.54 17.58 14.50
C ASN A 25 -5.78 17.85 15.33
N ARG A 26 -6.81 18.38 14.66
CA ARG A 26 -8.10 18.59 15.30
C ARG A 26 -9.18 17.93 14.45
N PHE A 27 -10.21 17.44 15.11
CA PHE A 27 -11.32 16.85 14.42
C PHE A 27 -12.41 17.93 14.29
N GLU A 28 -12.46 18.50 13.10
CA GLU A 28 -13.25 19.70 12.84
C GLU A 28 -14.40 19.52 11.86
N LYS A 29 -14.52 18.34 11.31
CA LYS A 29 -15.48 18.07 10.23
CA LYS A 29 -15.54 18.11 10.26
C LYS A 29 -16.48 16.99 10.64
N GLY A 30 -16.77 16.91 11.94
CA GLY A 30 -17.61 15.87 12.49
C GLY A 30 -19.03 15.80 11.99
N ASP A 31 -19.66 16.95 11.80
CA ASP A 31 -21.05 16.93 11.39
C ASP A 31 -21.18 16.55 9.91
N GLU A 32 -20.24 17.04 9.12
CA GLU A 32 -20.22 16.77 7.67
C GLU A 32 -19.94 15.29 7.47
N LEU A 33 -18.98 14.77 8.21
CA LEU A 33 -18.65 13.34 8.10
C LEU A 33 -19.81 12.46 8.58
N ARG A 34 -20.44 12.77 9.70
CA ARG A 34 -21.59 11.99 10.09
C ARG A 34 -22.61 11.94 8.99
N ALA A 35 -22.87 13.08 8.36
CA ALA A 35 -23.86 13.14 7.24
C ALA A 35 -23.44 12.25 6.06
N GLN A 36 -22.16 12.25 5.73
CA GLN A 36 -21.65 11.38 4.67
C GLN A 36 -21.68 9.92 5.07
N LEU A 37 -21.36 9.64 6.32
CA LEU A 37 -21.42 8.25 6.79
C LEU A 37 -22.82 7.67 6.74
N ARG A 38 -23.85 8.50 6.98
CA ARG A 38 -25.23 8.05 6.83
C ARG A 38 -25.50 7.52 5.42
N LYS A 39 -24.99 8.23 4.43
CA LYS A 39 -25.10 7.80 3.03
C LYS A 39 -24.34 6.45 2.79
N LEU A 40 -23.20 6.29 3.44
CA LEU A 40 -22.47 5.03 3.28
C LEU A 40 -23.23 3.87 3.94
N VAL A 41 -23.77 4.13 5.12
CA VAL A 41 -24.58 3.13 5.82
C VAL A 41 -25.86 2.79 5.02
N GLU A 42 -26.50 3.81 4.43
CA GLU A 42 -27.62 3.59 3.54
C GLU A 42 -27.25 2.67 2.36
N ALA A 43 -26.01 2.73 1.91
CA ALA A 43 -25.51 1.91 0.81
C ALA A 43 -25.02 0.54 1.27
N GLY A 44 -24.94 0.29 2.58
CA GLY A 44 -24.54 -1.04 3.08
C GLY A 44 -23.03 -1.30 3.23
N VAL A 45 -22.24 -0.24 3.23
CA VAL A 45 -20.75 -0.30 3.39
C VAL A 45 -20.39 -0.99 4.70
N ASP A 46 -19.38 -1.86 4.65
CA ASP A 46 -18.93 -2.59 5.81
C ASP A 46 -18.12 -1.70 6.77
N GLY A 47 -17.35 -0.75 6.25
CA GLY A 47 -16.45 0.06 7.07
C GLY A 47 -15.73 1.17 6.31
N VAL A 48 -14.87 1.89 7.02
CA VAL A 48 -14.12 2.95 6.40
C VAL A 48 -12.64 2.70 6.66
N MET A 49 -11.79 3.39 5.93
CA MET A 49 -10.34 3.34 6.10
C MET A 49 -9.86 4.77 6.34
N VAL A 50 -8.87 4.96 7.20
CA VAL A 50 -8.36 6.29 7.46
C VAL A 50 -6.84 6.27 7.74
N ASP A 51 -6.17 7.26 7.18
CA ASP A 51 -4.79 7.57 7.52
C ASP A 51 -4.67 8.03 8.94
N VAL A 52 -3.75 7.40 9.70
CA VAL A 52 -3.47 7.90 11.06
C VAL A 52 -2.09 8.54 11.02
N TRP A 53 -2.04 9.86 10.74
CA TRP A 53 -0.86 10.56 10.30
C TRP A 53 0.17 10.76 11.43
N TRP A 54 1.33 10.15 11.26
CA TRP A 54 2.47 10.33 12.19
C TRP A 54 2.81 11.77 12.47
N GLY A 55 2.84 12.57 11.40
CA GLY A 55 3.09 13.99 11.53
C GLY A 55 2.09 14.76 12.35
N LEU A 56 0.84 14.29 12.41
CA LEU A 56 -0.15 14.93 13.27
C LEU A 56 0.00 14.46 14.71
N VAL A 57 0.11 13.17 14.92
CA VAL A 57 0.03 12.60 16.26
C VAL A 57 1.30 12.78 17.09
N GLU A 58 2.48 12.57 16.49
CA GLU A 58 3.74 12.73 17.20
C GLU A 58 4.42 14.01 16.69
N GLY A 59 3.62 15.06 16.40
CA GLY A 59 4.19 16.34 15.94
C GLY A 59 5.00 17.15 16.96
N LYS A 60 4.61 17.15 18.23
CA LYS A 60 5.26 17.97 19.26
C LYS A 60 6.73 17.62 19.51
N GLY A 61 7.02 16.33 19.57
CA GLY A 61 8.28 15.88 20.02
C GLY A 61 8.22 14.40 20.24
N PRO A 62 9.36 13.79 20.52
CA PRO A 62 9.40 12.36 20.73
C PRO A 62 8.51 11.87 21.85
N LYS A 63 7.67 10.91 21.51
CA LYS A 63 6.71 10.25 22.40
C LYS A 63 5.63 11.17 22.94
N ALA A 64 5.51 12.37 22.34
CA ALA A 64 4.45 13.32 22.72
C ALA A 64 3.19 13.06 21.91
N TYR A 65 2.64 11.85 22.03
CA TYR A 65 1.53 11.45 21.18
C TYR A 65 0.26 12.17 21.56
N ASP A 66 -0.41 12.79 20.58
CA ASP A 66 -1.70 13.50 20.81
C ASP A 66 -2.79 12.76 20.03
N TRP A 67 -3.51 11.89 20.71
CA TRP A 67 -4.53 11.03 20.07
C TRP A 67 -5.93 11.59 20.12
N SER A 68 -6.06 12.81 20.63
CA SER A 68 -7.37 13.42 20.87
CA SER A 68 -7.36 13.44 20.87
C SER A 68 -8.30 13.43 19.65
N ALA A 69 -7.83 13.94 18.52
CA ALA A 69 -8.67 14.05 17.33
C ALA A 69 -9.00 12.65 16.81
N TYR A 70 -8.02 11.75 16.76
CA TYR A 70 -8.29 10.45 16.29
C TYR A 70 -9.33 9.70 17.15
N LYS A 71 -9.27 9.82 18.46
CA LYS A 71 -10.29 9.17 19.28
C LYS A 71 -11.68 9.69 19.00
N GLN A 72 -11.80 11.00 18.75
CA GLN A 72 -13.09 11.59 18.39
CA GLN A 72 -13.11 11.58 18.40
C GLN A 72 -13.61 10.99 17.07
N LEU A 73 -12.73 10.90 16.09
CA LEU A 73 -13.09 10.31 14.82
CA LEU A 73 -13.06 10.31 14.80
C LEU A 73 -13.52 8.86 14.96
N PHE A 74 -12.76 8.08 15.71
CA PHE A 74 -13.09 6.66 15.86
C PHE A 74 -14.39 6.47 16.60
N GLU A 75 -14.66 7.31 17.61
CA GLU A 75 -15.94 7.28 18.31
C GLU A 75 -17.10 7.54 17.34
N LEU A 76 -16.91 8.53 16.43
CA LEU A 76 -17.94 8.81 15.44
CA LEU A 76 -17.93 8.81 15.44
C LEU A 76 -18.19 7.60 14.52
N VAL A 77 -17.11 6.95 14.07
CA VAL A 77 -17.24 5.78 13.17
C VAL A 77 -17.98 4.62 13.89
N GLN A 78 -17.62 4.42 15.15
CA GLN A 78 -18.26 3.40 15.97
C GLN A 78 -19.74 3.64 16.13
N LYS A 79 -20.09 4.88 16.39
CA LYS A 79 -21.49 5.25 16.59
C LYS A 79 -22.29 5.16 15.30
N ALA A 80 -21.61 5.10 14.18
CA ALA A 80 -22.26 4.91 12.88
C ALA A 80 -22.40 3.45 12.55
N GLY A 81 -21.88 2.58 13.40
CA GLY A 81 -21.97 1.13 13.18
C GLY A 81 -21.04 0.60 12.09
N LEU A 82 -20.01 1.35 11.79
CA LEU A 82 -19.05 0.96 10.74
C LEU A 82 -17.76 0.39 11.34
N LYS A 83 -17.14 -0.52 10.61
CA LYS A 83 -15.82 -1.02 10.97
CA LYS A 83 -15.81 -1.04 10.95
C LYS A 83 -14.74 -0.08 10.46
N LEU A 84 -13.50 -0.31 10.87
CA LEU A 84 -12.43 0.67 10.65
CA LEU A 84 -12.45 0.66 10.58
C LEU A 84 -11.12 -0.03 10.31
N GLN A 85 -10.50 0.39 9.22
CA GLN A 85 -9.16 0.01 8.83
C GLN A 85 -8.27 1.22 9.07
N ALA A 86 -7.25 1.02 9.91
CA ALA A 86 -6.37 2.10 10.37
C ALA A 86 -5.02 1.97 9.71
N ILE A 87 -4.62 2.99 8.95
CA ILE A 87 -3.31 3.00 8.33
C ILE A 87 -2.33 3.71 9.25
N MET A 88 -1.22 3.03 9.54
CA MET A 88 -0.15 3.62 10.30
C MET A 88 0.66 4.42 9.27
N SER A 89 0.39 5.70 9.18
CA SER A 89 0.81 6.52 8.05
C SER A 89 2.05 7.25 8.44
N PHE A 90 3.18 6.59 8.23
CA PHE A 90 4.52 7.11 8.56
C PHE A 90 5.13 7.91 7.41
N HIS A 91 4.27 8.57 6.63
CA HIS A 91 4.67 9.27 5.44
C HIS A 91 3.97 10.62 5.34
N GLN A 92 4.46 11.45 4.43
CA GLN A 92 3.87 12.76 4.18
C GLN A 92 2.64 12.61 3.33
N CYS A 93 1.60 13.39 3.63
CA CYS A 93 0.45 13.54 2.78
C CYS A 93 0.73 14.76 1.92
N GLY A 94 0.44 14.69 0.63
N GLY A 94 0.60 14.63 0.61
CA GLY A 94 0.54 15.88 -0.21
CA GLY A 94 1.03 15.68 -0.32
C GLY A 94 1.98 16.33 -0.41
C GLY A 94 2.14 15.24 -1.28
N GLY A 95 2.19 17.60 -0.68
N GLY A 95 2.00 15.59 -2.55
CA GLY A 95 3.52 18.14 -0.98
CA GLY A 95 3.08 15.35 -3.51
C GLY A 95 3.82 18.12 -2.48
C GLY A 95 2.89 14.09 -4.33
N ASN A 96 2.78 17.88 -3.26
N ASN A 96 1.89 13.31 -3.97
CA ASN A 96 2.90 18.00 -4.70
CA ASN A 96 1.56 12.11 -4.72
C ASN A 96 2.09 19.22 -5.10
C ASN A 96 0.15 12.35 -5.30
N VAL A 97 2.27 19.70 -6.32
N VAL A 97 -0.17 11.73 -6.43
CA VAL A 97 1.37 20.71 -6.84
CA VAL A 97 -1.52 11.86 -7.01
C VAL A 97 0.16 19.95 -7.38
C VAL A 97 -2.42 11.76 -5.77
N GLY A 98 -1.05 20.46 -7.23
N GLY A 98 -3.01 12.84 -5.27
CA GLY A 98 -1.43 21.39 -6.17
CA GLY A 98 -4.25 13.47 -5.69
C GLY A 98 -2.24 20.53 -5.20
C GLY A 98 -4.54 13.92 -4.25
N ASP A 99 -1.54 19.85 -4.30
N ASP A 99 -3.48 14.44 -3.64
CA ASP A 99 -2.20 19.02 -3.31
CA ASP A 99 -3.29 14.55 -2.18
C ASP A 99 -2.90 19.94 -2.34
C ASP A 99 -3.71 15.86 -1.50
N ALA A 100 -4.15 19.65 -2.06
N ALA A 100 -4.77 16.49 -1.98
CA ALA A 100 -4.92 20.47 -1.15
CA ALA A 100 -4.95 17.95 -1.85
C ALA A 100 -4.55 20.18 0.31
C ALA A 100 -4.71 18.62 -0.49
N VAL A 101 -4.27 18.91 0.61
N VAL A 101 -4.14 17.90 0.47
CA VAL A 101 -3.99 18.46 1.99
CA VAL A 101 -3.88 18.38 1.84
C VAL A 101 -2.49 18.15 2.08
C VAL A 101 -2.42 18.04 2.15
N ASN A 102 -1.79 18.86 2.96
N ASN A 102 -1.66 18.95 2.77
CA ASN A 102 -0.35 18.65 3.11
CA ASN A 102 -0.22 18.69 3.09
C ASN A 102 0.06 18.46 4.58
N ILE A 103 0.53 17.27 4.91
CA ILE A 103 0.81 16.88 6.28
C ILE A 103 2.18 16.15 6.23
N PRO A 104 3.24 16.83 6.60
CA PRO A 104 4.58 16.22 6.57
C PRO A 104 4.77 15.26 7.74
N ILE A 105 5.89 14.54 7.72
CA ILE A 105 6.31 13.79 8.90
C ILE A 105 6.73 14.77 9.98
N PRO A 106 6.89 14.32 11.23
CA PRO A 106 7.13 15.27 12.32
C PRO A 106 8.33 16.21 12.09
N GLN A 107 8.14 17.50 12.35
CA GLN A 107 9.22 18.47 12.23
C GLN A 107 10.50 18.07 12.98
N TRP A 108 10.35 17.54 14.19
CA TRP A 108 11.53 17.20 14.96
C TRP A 108 12.28 16.04 14.33
N VAL A 109 11.57 15.20 13.55
CA VAL A 109 12.25 14.12 12.80
C VAL A 109 13.05 14.75 11.64
N ARG A 110 12.41 15.64 10.90
CA ARG A 110 13.06 16.31 9.81
C ARG A 110 14.28 17.14 10.26
N ASP A 111 14.22 17.72 11.46
CA ASP A 111 15.35 18.48 12.00
C ASP A 111 16.62 17.66 12.04
N VAL A 112 16.50 16.35 12.28
CA VAL A 112 17.68 15.49 12.24
C VAL A 112 18.35 15.53 10.86
N GLY A 113 17.57 15.72 9.81
CA GLY A 113 18.08 15.76 8.46
C GLY A 113 18.91 17.00 8.12
N THR A 114 18.90 18.01 8.99
CA THR A 114 19.74 19.19 8.81
C THR A 114 21.19 18.82 9.00
N ARG A 115 21.54 18.06 10.04
CA ARG A 115 22.92 17.55 10.12
C ARG A 115 23.11 16.23 9.40
N ASP A 116 22.04 15.48 9.17
CA ASP A 116 22.18 14.17 8.50
C ASP A 116 21.13 14.01 7.39
N PRO A 117 21.42 14.60 6.20
CA PRO A 117 20.43 14.61 5.14
C PRO A 117 20.24 13.22 4.51
N ASP A 118 21.07 12.28 4.93
CA ASP A 118 20.98 10.92 4.43
C ASP A 118 19.92 10.07 5.12
N ILE A 119 19.13 10.67 6.00
CA ILE A 119 17.94 9.99 6.55
C ILE A 119 16.82 9.89 5.51
N PHE A 120 16.99 10.58 4.36
CA PHE A 120 15.98 10.62 3.29
C PHE A 120 16.44 9.83 2.09
N TYR A 121 15.51 9.14 1.40
CA TYR A 121 15.84 8.47 0.14
C TYR A 121 16.37 9.59 -0.81
N THR A 122 17.45 9.28 -1.50
CA THR A 122 18.20 10.24 -2.27
C THR A 122 18.44 9.68 -3.66
N ASP A 123 18.25 10.49 -4.70
CA ASP A 123 18.45 10.00 -6.07
C ASP A 123 19.90 10.27 -6.54
N GLY A 124 20.20 9.91 -7.78
CA GLY A 124 21.55 9.93 -8.25
C GLY A 124 22.04 11.35 -8.53
N HIS A 125 21.12 12.32 -8.57
CA HIS A 125 21.41 13.77 -8.67
CA HIS A 125 21.60 13.72 -8.65
C HIS A 125 21.70 14.39 -7.27
N GLY A 126 21.42 13.62 -6.20
CA GLY A 126 21.57 14.08 -4.83
C GLY A 126 20.29 14.62 -4.24
N THR A 127 19.20 14.61 -5.03
CA THR A 127 17.93 15.16 -4.52
C THR A 127 17.38 14.31 -3.40
N ARG A 128 17.07 14.96 -2.30
CA ARG A 128 16.48 14.32 -1.14
C ARG A 128 14.95 14.33 -1.22
N ASN A 129 14.35 13.17 -0.97
CA ASN A 129 12.89 13.06 -0.84
C ASN A 129 12.46 13.07 0.63
N ILE A 130 11.73 14.10 1.03
CA ILE A 130 11.43 14.32 2.45
C ILE A 130 10.12 13.66 2.91
N GLU A 131 9.53 12.78 2.07
CA GLU A 131 8.21 12.22 2.46
CA GLU A 131 8.24 12.09 2.32
C GLU A 131 8.25 11.02 3.40
N TYR A 132 9.43 10.42 3.61
CA TYR A 132 9.56 9.16 4.31
C TYR A 132 11.04 8.93 4.66
N LEU A 133 11.30 8.17 5.72
CA LEU A 133 12.69 7.92 6.11
C LEU A 133 13.28 6.71 5.35
N THR A 134 14.49 6.86 4.79
CA THR A 134 15.10 5.76 4.10
C THR A 134 15.07 4.50 4.94
N LEU A 135 14.78 3.36 4.29
CA LEU A 135 14.93 2.06 4.95
C LEU A 135 16.36 1.88 5.48
N GLY A 136 17.32 2.60 4.89
CA GLY A 136 18.70 2.63 5.37
C GLY A 136 18.89 3.00 6.83
N VAL A 137 17.93 3.73 7.42
CA VAL A 137 18.03 4.13 8.81
C VAL A 137 17.04 3.42 9.73
N ASP A 138 16.43 2.36 9.21
CA ASP A 138 15.54 1.50 10.01
C ASP A 138 16.13 1.13 11.37
N ASN A 139 17.41 0.76 11.37
CA ASN A 139 18.09 0.35 12.59
C ASN A 139 19.25 1.26 13.01
N GLN A 140 19.23 2.52 12.60
CA GLN A 140 20.25 3.47 12.99
C GLN A 140 19.65 4.39 14.06
N PRO A 141 20.29 4.49 15.24
CA PRO A 141 19.73 5.23 16.38
C PRO A 141 20.01 6.72 16.28
N LEU A 142 19.38 7.36 15.30
CA LEU A 142 19.70 8.73 14.91
C LEU A 142 18.73 9.76 15.44
N PHE A 143 17.60 9.31 16.00
CA PHE A 143 16.47 10.19 16.29
C PHE A 143 16.33 10.27 17.80
N HIS A 144 17.15 11.14 18.39
CA HIS A 144 17.20 11.30 19.83
C HIS A 144 17.27 9.95 20.53
N GLY A 145 18.15 9.10 19.99
CA GLY A 145 18.44 7.81 20.50
C GLY A 145 17.62 6.65 19.97
N ARG A 146 16.52 6.93 19.24
CA ARG A 146 15.71 5.89 18.62
C ARG A 146 16.06 5.71 17.16
N SER A 147 15.93 4.46 16.67
CA SER A 147 15.97 4.18 15.27
C SER A 147 14.58 4.43 14.65
N ALA A 148 14.52 4.39 13.33
CA ALA A 148 13.21 4.55 12.66
C ALA A 148 12.26 3.42 13.04
N VAL A 149 12.71 2.18 13.01
CA VAL A 149 11.89 1.07 13.43
C VAL A 149 11.43 1.21 14.84
N GLN A 150 12.29 1.67 15.75
CA GLN A 150 11.82 1.90 17.11
C GLN A 150 10.72 2.98 17.20
N MET A 151 10.84 4.04 16.43
CA MET A 151 9.81 5.08 16.40
C MET A 151 8.49 4.49 15.86
N TYR A 152 8.57 3.65 14.82
CA TYR A 152 7.36 3.01 14.28
C TYR A 152 6.69 2.07 15.29
N ALA A 153 7.49 1.26 15.99
CA ALA A 153 7.00 0.31 16.99
C ALA A 153 6.33 1.07 18.11
N ASP A 154 7.02 2.11 18.60
CA ASP A 154 6.53 2.95 19.72
C ASP A 154 5.18 3.62 19.35
N TYR A 155 5.09 4.15 18.13
CA TYR A 155 3.82 4.74 17.67
C TYR A 155 2.68 3.72 17.66
N MET A 156 2.94 2.53 17.13
CA MET A 156 1.92 1.50 17.09
C MET A 156 1.54 1.07 18.50
N THR A 157 2.52 1.02 19.39
CA THR A 157 2.24 0.65 20.79
C THR A 157 1.33 1.68 21.42
N SER A 158 1.64 2.96 21.23
CA SER A 158 0.79 4.01 21.77
C SER A 158 -0.62 3.99 21.16
N PHE A 159 -0.70 3.75 19.87
CA PHE A 159 -1.98 3.53 19.22
C PHE A 159 -2.81 2.41 19.85
N ARG A 160 -2.21 1.21 19.97
CA ARG A 160 -2.88 0.08 20.62
C ARG A 160 -3.40 0.45 22.01
N GLU A 161 -2.56 1.11 22.82
CA GLU A 161 -2.95 1.41 24.20
C GLU A 161 -4.11 2.39 24.21
N ASN A 162 -4.01 3.43 23.38
CA ASN A 162 -5.02 4.45 23.35
C ASN A 162 -6.34 4.01 22.71
N MET A 163 -6.26 3.09 21.74
CA MET A 163 -7.42 2.65 20.97
C MET A 163 -7.90 1.27 21.40
N LYS A 164 -7.46 0.80 22.56
CA LYS A 164 -7.81 -0.53 22.99
C LYS A 164 -9.31 -0.74 23.04
N GLU A 165 -10.07 0.26 23.48
CA GLU A 165 -11.51 0.04 23.55
C GLU A 165 -12.14 -0.19 22.17
N PHE A 166 -11.61 0.45 21.13
CA PHE A 166 -12.13 0.30 19.77
C PHE A 166 -11.75 -1.06 19.18
N LEU A 167 -10.58 -1.53 19.53
CA LEU A 167 -10.13 -2.86 19.14
C LEU A 167 -11.02 -3.92 19.81
N ASP A 168 -11.17 -3.81 21.13
CA ASP A 168 -11.94 -4.81 21.85
C ASP A 168 -13.41 -4.84 21.45
N ALA A 169 -13.93 -3.68 21.05
CA ALA A 169 -15.30 -3.59 20.57
C ALA A 169 -15.49 -4.05 19.14
N GLY A 170 -14.42 -4.41 18.43
CA GLY A 170 -14.56 -4.86 17.04
C GLY A 170 -14.74 -3.76 16.02
N VAL A 171 -14.38 -2.53 16.40
CA VAL A 171 -14.46 -1.41 15.49
C VAL A 171 -13.26 -1.45 14.54
N ILE A 172 -12.06 -1.48 15.11
CA ILE A 172 -10.80 -1.54 14.34
C ILE A 172 -10.54 -3.02 14.08
N VAL A 173 -10.51 -3.37 12.79
CA VAL A 173 -10.42 -4.75 12.32
C VAL A 173 -9.21 -4.96 11.43
N ASP A 174 -8.51 -3.88 11.08
CA ASP A 174 -7.37 -3.95 10.13
C ASP A 174 -6.38 -2.87 10.45
N ILE A 175 -5.10 -3.25 10.53
CA ILE A 175 -3.97 -2.33 10.70
C ILE A 175 -3.14 -2.41 9.41
N GLU A 176 -3.16 -1.36 8.61
CA GLU A 176 -2.31 -1.28 7.42
C GLU A 176 -1.01 -0.56 7.77
N VAL A 177 0.10 -1.26 7.66
CA VAL A 177 1.36 -0.72 8.12
C VAL A 177 2.00 0.03 6.95
N GLY A 178 2.10 1.37 7.05
CA GLY A 178 2.76 2.16 6.03
C GLY A 178 4.21 1.80 5.99
N LEU A 179 4.73 1.57 4.78
CA LEU A 179 6.12 1.13 4.61
C LEU A 179 6.91 2.00 3.62
N GLY A 180 6.35 3.15 3.26
CA GLY A 180 7.02 3.99 2.32
C GLY A 180 6.18 5.16 1.97
N PRO A 181 6.59 5.89 0.91
CA PRO A 181 5.74 6.92 0.33
C PRO A 181 4.35 6.47 0.02
N ALA A 182 3.36 7.33 0.32
CA ALA A 182 1.93 7.03 0.13
C ALA A 182 1.50 5.81 0.92
N GLY A 183 2.28 5.41 1.90
CA GLY A 183 1.97 4.26 2.71
C GLY A 183 2.42 2.95 2.08
N GLU A 184 2.96 3.02 0.88
CA GLU A 184 3.22 1.84 0.05
C GLU A 184 4.64 1.34 0.25
N MET A 185 4.80 0.03 0.17
CA MET A 185 6.11 -0.60 0.28
C MET A 185 6.85 -0.45 -1.09
N ARG A 186 7.56 0.66 -1.24
CA ARG A 186 8.24 1.04 -2.47
C ARG A 186 9.24 2.12 -2.20
N TYR A 187 10.04 2.43 -3.21
CA TYR A 187 10.90 3.57 -3.20
C TYR A 187 10.15 4.70 -3.92
N PRO A 188 10.49 5.94 -3.60
CA PRO A 188 9.87 7.10 -4.28
C PRO A 188 10.47 7.40 -5.67
N SER A 189 10.27 6.45 -6.57
CA SER A 189 10.91 6.41 -7.87
C SER A 189 10.25 7.26 -8.91
N TYR A 190 9.04 7.75 -8.60
CA TYR A 190 8.19 8.52 -9.52
C TYR A 190 7.61 9.77 -8.84
N PRO A 191 8.50 10.71 -8.50
CA PRO A 191 8.17 11.93 -7.76
C PRO A 191 7.48 12.92 -8.68
N GLN A 192 6.16 12.81 -8.75
CA GLN A 192 5.37 13.61 -9.71
C GLN A 192 5.57 15.13 -9.54
N SER A 193 5.92 15.63 -8.38
CA SER A 193 6.12 17.09 -8.41
C SER A 193 7.57 17.51 -8.44
N HIS A 194 8.47 16.54 -8.54
CA HIS A 194 9.90 16.86 -8.52
C HIS A 194 10.69 16.17 -9.62
N GLY A 195 10.05 16.11 -10.76
CA GLY A 195 10.75 15.88 -11.98
C GLY A 195 10.41 14.59 -12.68
N TRP A 196 9.36 13.88 -12.21
CA TRP A 196 8.77 12.77 -12.96
C TRP A 196 7.38 13.13 -13.47
N SER A 197 7.08 12.67 -14.68
CA SER A 197 5.73 12.73 -15.25
C SER A 197 5.40 11.36 -15.79
N PHE A 198 4.17 10.87 -15.55
CA PHE A 198 3.74 9.61 -16.13
C PHE A 198 3.89 9.66 -17.66
N PRO A 199 4.34 8.58 -18.31
CA PRO A 199 4.79 7.26 -17.81
C PRO A 199 6.28 7.07 -17.79
N GLY A 200 7.03 8.02 -17.23
CA GLY A 200 8.48 7.88 -17.15
C GLY A 200 8.90 6.59 -16.43
N ILE A 201 10.05 6.07 -16.81
CA ILE A 201 10.61 4.87 -16.16
C ILE A 201 10.94 5.03 -14.68
N GLY A 202 11.15 6.26 -14.25
CA GLY A 202 11.49 6.53 -12.85
C GLY A 202 12.98 6.34 -12.65
N GLU A 203 13.41 6.40 -11.40
CA GLU A 203 14.84 6.30 -11.07
C GLU A 203 15.04 5.44 -9.84
N PHE A 204 16.21 4.82 -9.73
CA PHE A 204 16.64 4.14 -8.50
C PHE A 204 16.97 5.18 -7.41
N ILE A 205 16.35 5.06 -6.24
CA ILE A 205 16.53 6.07 -5.20
C ILE A 205 17.29 5.50 -4.02
N CYS A 206 18.52 5.06 -4.30
CA CYS A 206 19.33 4.33 -3.35
C CYS A 206 20.67 5.01 -3.04
N TYR A 207 20.77 6.32 -3.29
CA TYR A 207 22.02 7.06 -3.13
C TYR A 207 22.25 7.65 -1.71
N ASP A 208 21.32 7.46 -0.77
CA ASP A 208 21.62 7.92 0.59
C ASP A 208 22.84 7.16 1.09
N LYS A 209 23.65 7.78 1.96
CA LYS A 209 24.92 7.14 2.33
C LYS A 209 24.77 5.79 3.02
N TYR A 210 23.66 5.62 3.73
CA TYR A 210 23.35 4.36 4.41
C TYR A 210 23.14 3.21 3.40
N LEU A 211 22.30 3.43 2.39
CA LEU A 211 22.14 2.44 1.33
C LEU A 211 23.42 2.27 0.51
N GLN A 212 24.21 3.33 0.29
CA GLN A 212 25.46 3.16 -0.47
C GLN A 212 26.39 2.21 0.30
N ALA A 213 26.49 2.44 1.60
CA ALA A 213 27.36 1.60 2.47
C ALA A 213 26.87 0.16 2.53
N ASP A 214 25.54 -0.02 2.62
CA ASP A 214 24.94 -1.36 2.56
C ASP A 214 25.22 -2.07 1.24
N PHE A 215 25.15 -1.35 0.12
CA PHE A 215 25.47 -2.00 -1.15
C PHE A 215 26.95 -2.40 -1.19
N LYS A 216 27.79 -1.51 -0.68
CA LYS A 216 29.23 -1.78 -0.66
C LYS A 216 29.55 -3.04 0.13
N ALA A 217 28.92 -3.17 1.29
CA ALA A 217 29.07 -4.35 2.12
C ALA A 217 28.54 -5.62 1.43
N ALA A 218 27.40 -5.51 0.76
CA ALA A 218 26.79 -6.63 0.05
C ALA A 218 27.65 -7.06 -1.14
N ALA A 219 28.13 -6.09 -1.90
CA ALA A 219 29.01 -6.36 -3.04
C ALA A 219 30.36 -7.01 -2.62
N ALA A 220 30.90 -6.58 -1.48
CA ALA A 220 32.13 -7.09 -0.88
C ALA A 220 31.96 -8.53 -0.42
N ALA A 221 30.81 -8.83 0.16
CA ALA A 221 30.52 -10.18 0.67
C ALA A 221 30.52 -11.23 -0.43
N VAL A 222 30.20 -10.84 -1.66
CA VAL A 222 30.30 -11.73 -2.83
C VAL A 222 31.58 -11.53 -3.69
N GLY A 223 32.61 -10.89 -3.13
CA GLY A 223 33.89 -10.78 -3.82
C GLY A 223 33.98 -9.73 -4.90
N HIS A 224 33.05 -8.78 -4.90
CA HIS A 224 33.08 -7.68 -5.85
C HIS A 224 33.05 -6.32 -5.20
N PRO A 225 34.11 -5.99 -4.45
CA PRO A 225 34.14 -4.68 -3.84
C PRO A 225 34.08 -3.51 -4.82
N GLU A 226 34.40 -3.78 -6.08
CA GLU A 226 34.47 -2.75 -7.13
C GLU A 226 33.12 -2.35 -7.70
N TRP A 227 32.11 -3.20 -7.51
CA TRP A 227 30.79 -2.95 -8.11
C TRP A 227 30.14 -1.72 -7.53
N GLU A 228 29.47 -0.98 -8.41
CA GLU A 228 28.74 0.23 -8.03
C GLU A 228 27.34 0.16 -8.66
N PHE A 229 26.50 1.09 -8.28
CA PHE A 229 25.18 1.21 -8.86
C PHE A 229 25.28 1.37 -10.37
N PRO A 230 24.28 0.89 -11.13
CA PRO A 230 24.35 1.07 -12.60
C PRO A 230 24.38 2.52 -12.99
N ASN A 231 25.19 2.84 -13.98
CA ASN A 231 25.30 4.23 -14.45
C ASN A 231 24.71 4.44 -15.83
N ASP A 232 24.01 3.46 -16.36
CA ASP A 232 23.46 3.55 -17.73
C ASP A 232 21.95 3.46 -17.70
N VAL A 233 21.36 4.14 -16.70
CA VAL A 233 19.99 3.98 -16.32
C VAL A 233 19.13 5.16 -16.74
N GLY A 234 19.72 6.14 -17.40
CA GLY A 234 18.95 7.31 -17.88
C GLY A 234 18.39 8.11 -16.71
N GLN A 235 17.19 8.68 -16.91
CA GLN A 235 16.58 9.57 -15.94
C GLN A 235 15.07 9.37 -15.87
N TYR A 236 14.43 10.07 -14.93
CA TYR A 236 13.02 9.86 -14.61
C TYR A 236 12.09 9.73 -15.84
N ASN A 237 12.18 10.65 -16.80
CA ASN A 237 11.21 10.70 -17.88
C ASN A 237 11.66 10.01 -19.15
N ASP A 238 12.74 9.24 -19.05
CA ASP A 238 13.12 8.37 -20.17
C ASP A 238 12.12 7.25 -20.39
N THR A 239 12.22 6.62 -21.56
CA THR A 239 11.60 5.33 -21.84
C THR A 239 12.74 4.29 -21.83
N PRO A 240 12.42 3.02 -21.77
CA PRO A 240 13.47 2.00 -21.61
C PRO A 240 14.54 2.01 -22.72
N GLU A 241 14.12 2.18 -23.97
CA GLU A 241 15.07 2.12 -25.06
C GLU A 241 16.02 3.32 -25.13
N ARG A 242 15.74 4.35 -24.33
CA ARG A 242 16.66 5.49 -24.13
C ARG A 242 17.91 5.17 -23.31
N THR A 243 17.98 3.96 -22.72
CA THR A 243 19.02 3.59 -21.76
C THR A 243 19.61 2.25 -22.12
N GLN A 244 20.89 2.07 -21.78
CA GLN A 244 21.55 0.81 -21.99
C GLN A 244 21.07 -0.21 -20.95
N PHE A 245 20.64 0.26 -19.77
CA PHE A 245 20.27 -0.63 -18.69
C PHE A 245 18.93 -1.34 -18.98
N PHE A 246 17.92 -0.55 -19.35
CA PHE A 246 16.54 -1.06 -19.42
C PHE A 246 16.11 -1.46 -20.83
N ARG A 247 16.94 -1.18 -21.83
CA ARG A 247 16.54 -1.53 -23.18
C ARG A 247 16.41 -3.07 -23.30
N ASP A 248 15.65 -3.50 -24.29
CA ASP A 248 15.58 -4.94 -24.62
C ASP A 248 16.99 -5.43 -24.86
N ASN A 249 17.38 -6.52 -24.19
CA ASN A 249 18.75 -7.07 -24.25
C ASN A 249 19.78 -6.17 -23.57
N GLY A 250 19.30 -5.35 -22.64
CA GLY A 250 20.13 -4.39 -21.95
C GLY A 250 20.91 -4.96 -20.78
N THR A 251 21.63 -4.07 -20.10
CA THR A 251 22.50 -4.48 -19.00
C THR A 251 21.74 -4.92 -17.74
N TYR A 252 20.42 -4.76 -17.72
CA TYR A 252 19.66 -5.22 -16.55
C TYR A 252 19.78 -6.74 -16.45
N LEU A 253 20.08 -7.39 -17.59
CA LEU A 253 20.23 -8.83 -17.64
C LEU A 253 21.59 -9.38 -17.18
N SER A 254 22.58 -8.50 -17.11
CA SER A 254 23.95 -8.87 -16.77
C SER A 254 24.10 -9.36 -15.33
N GLU A 255 25.25 -9.97 -15.00
CA GLU A 255 25.50 -10.37 -13.63
C GLU A 255 25.41 -9.18 -12.67
N LYS A 256 26.07 -8.08 -13.04
CA LYS A 256 26.08 -6.92 -12.17
C LYS A 256 24.68 -6.37 -11.99
N GLY A 257 23.94 -6.35 -13.11
CA GLY A 257 22.55 -5.81 -13.15
C GLY A 257 21.65 -6.64 -12.26
N ARG A 258 21.73 -7.96 -12.37
CA ARG A 258 20.97 -8.87 -11.53
C ARG A 258 21.31 -8.69 -10.06
N PHE A 259 22.59 -8.52 -9.75
CA PHE A 259 22.99 -8.35 -8.36
C PHE A 259 22.36 -7.09 -7.80
N PHE A 260 22.47 -5.99 -8.55
CA PHE A 260 21.95 -4.72 -8.10
C PHE A 260 20.43 -4.76 -7.90
N LEU A 261 19.72 -5.30 -8.89
CA LEU A 261 18.26 -5.38 -8.80
C LEU A 261 17.80 -6.26 -7.64
N ALA A 262 18.50 -7.40 -7.40
CA ALA A 262 18.18 -8.26 -6.24
C ALA A 262 18.42 -7.44 -4.97
N TRP A 263 19.55 -6.70 -4.93
CA TRP A 263 19.91 -5.96 -3.72
C TRP A 263 18.83 -4.92 -3.38
N TYR A 264 18.42 -4.18 -4.40
CA TYR A 264 17.50 -3.05 -4.30
C TYR A 264 16.12 -3.52 -3.85
N SER A 265 15.65 -4.56 -4.50
CA SER A 265 14.37 -5.17 -4.18
C SER A 265 14.38 -5.94 -2.87
N ASN A 266 15.48 -6.62 -2.57
CA ASN A 266 15.59 -7.37 -1.29
C ASN A 266 15.53 -6.40 -0.11
N ASN A 267 16.13 -5.23 -0.26
CA ASN A 267 16.14 -4.25 0.83
C ASN A 267 14.70 -3.85 1.22
N LEU A 268 13.81 -3.71 0.24
CA LEU A 268 12.44 -3.38 0.51
CA LEU A 268 12.41 -3.41 0.53
C LEU A 268 11.73 -4.54 1.26
N ILE A 269 11.94 -5.75 0.77
CA ILE A 269 11.48 -6.96 1.43
C ILE A 269 11.94 -7.02 2.87
N LYS A 270 13.22 -6.79 3.12
CA LYS A 270 13.74 -6.82 4.52
C LYS A 270 13.13 -5.72 5.42
N HIS A 271 12.97 -4.54 4.84
CA HIS A 271 12.30 -3.38 5.46
C HIS A 271 10.89 -3.78 5.90
N GLY A 272 10.16 -4.39 5.00
CA GLY A 272 8.81 -4.87 5.34
C GLY A 272 8.83 -5.91 6.45
N ASP A 273 9.72 -6.90 6.31
CA ASP A 273 9.78 -7.99 7.30
C ASP A 273 10.04 -7.50 8.71
N ARG A 274 11.03 -6.62 8.85
CA ARG A 274 11.41 -6.14 10.19
CA ARG A 274 11.40 -6.15 10.19
C ARG A 274 10.37 -5.24 10.85
N ILE A 275 9.71 -4.43 10.08
CA ILE A 275 8.64 -3.56 10.64
C ILE A 275 7.36 -4.40 10.89
N LEU A 276 7.07 -5.35 10.04
CA LEU A 276 5.91 -6.23 10.28
C LEU A 276 6.13 -7.09 11.53
N ASP A 277 7.35 -7.54 11.77
CA ASP A 277 7.64 -8.26 13.01
C ASP A 277 7.30 -7.44 14.25
N GLU A 278 7.66 -6.16 14.22
CA GLU A 278 7.32 -5.25 15.29
C GLU A 278 5.82 -5.04 15.41
N ALA A 279 5.14 -4.85 14.28
CA ALA A 279 3.68 -4.63 14.26
C ALA A 279 2.96 -5.87 14.81
N ASN A 280 3.44 -7.03 14.40
CA ASN A 280 2.89 -8.28 14.90
C ASN A 280 3.03 -8.38 16.39
N LYS A 281 4.19 -8.01 16.95
CA LYS A 281 4.33 -8.02 18.40
C LYS A 281 3.42 -7.05 19.09
N VAL A 282 3.22 -5.88 18.50
CA VAL A 282 2.35 -4.90 19.09
C VAL A 282 0.91 -5.42 19.15
N PHE A 283 0.44 -6.00 18.06
CA PHE A 283 -1.00 -6.34 17.94
C PHE A 283 -1.31 -7.77 18.29
N LEU A 284 -0.32 -8.47 18.81
CA LEU A 284 -0.46 -9.86 19.22
C LEU A 284 -1.70 -10.04 20.08
N GLY A 285 -2.56 -10.97 19.67
CA GLY A 285 -3.71 -11.37 20.44
C GLY A 285 -4.95 -10.56 20.13
N TYR A 286 -4.82 -9.50 19.31
CA TYR A 286 -5.99 -8.70 18.92
C TYR A 286 -6.59 -9.29 17.65
N LYS A 287 -7.90 -9.12 17.49
CA LYS A 287 -8.61 -9.70 16.35
C LYS A 287 -8.60 -8.73 15.18
N VAL A 288 -7.40 -8.58 14.61
CA VAL A 288 -7.13 -7.66 13.51
C VAL A 288 -6.30 -8.39 12.45
N GLN A 289 -6.42 -7.90 11.24
CA GLN A 289 -5.64 -8.26 10.10
C GLN A 289 -4.49 -7.22 10.03
N LEU A 290 -3.26 -7.65 9.80
CA LEU A 290 -2.17 -6.70 9.51
CA LEU A 290 -2.14 -6.75 9.50
C LEU A 290 -2.00 -6.75 7.99
N ALA A 291 -1.92 -5.58 7.36
CA ALA A 291 -1.78 -5.50 5.91
C ALA A 291 -0.60 -4.61 5.53
N ILE A 292 -0.03 -4.86 4.36
CA ILE A 292 0.85 -3.92 3.69
C ILE A 292 0.19 -3.52 2.37
N LYS A 293 0.63 -2.40 1.83
CA LYS A 293 0.16 -1.89 0.56
C LYS A 293 1.25 -1.98 -0.49
N ILE A 294 0.96 -2.68 -1.57
CA ILE A 294 1.88 -2.77 -2.70
C ILE A 294 1.36 -1.82 -3.77
N SER A 295 2.25 -0.97 -4.25
CA SER A 295 1.93 0.04 -5.28
C SER A 295 1.66 -0.68 -6.60
N GLY A 296 0.76 -0.14 -7.42
CA GLY A 296 0.44 -0.71 -8.72
C GLY A 296 1.17 -0.06 -9.88
N ILE A 297 2.33 -0.62 -10.22
CA ILE A 297 3.17 0.01 -11.25
C ILE A 297 2.91 -0.68 -12.58
N HIS A 298 1.83 -0.25 -13.22
CA HIS A 298 1.33 -0.87 -14.41
C HIS A 298 2.05 -0.44 -15.68
N TRP A 299 2.70 0.72 -15.65
CA TRP A 299 3.37 1.24 -16.83
C TRP A 299 4.69 0.51 -17.05
N TRP A 300 4.97 0.17 -18.32
CA TRP A 300 6.11 -0.66 -18.75
C TRP A 300 6.01 -2.15 -18.38
N TYR A 301 4.85 -2.59 -17.90
CA TYR A 301 4.65 -4.00 -17.59
C TYR A 301 4.78 -4.84 -18.87
N LYS A 302 4.46 -4.24 -20.02
CA LYS A 302 4.46 -4.96 -21.30
CA LYS A 302 4.48 -4.97 -21.30
C LYS A 302 5.85 -5.11 -21.95
N VAL A 303 6.87 -4.43 -21.44
CA VAL A 303 8.23 -4.51 -22.02
C VAL A 303 9.13 -5.39 -21.18
N PRO A 304 10.20 -5.94 -21.81
CA PRO A 304 10.97 -6.95 -21.06
C PRO A 304 11.57 -6.49 -19.73
N SER A 305 12.07 -5.26 -19.66
CA SER A 305 12.68 -4.75 -18.44
C SER A 305 11.70 -4.41 -17.30
N HIS A 306 10.41 -4.26 -17.57
CA HIS A 306 9.49 -3.85 -16.51
C HIS A 306 10.10 -2.66 -15.73
N ALA A 307 10.59 -1.68 -16.47
CA ALA A 307 11.51 -0.68 -15.90
C ALA A 307 10.93 0.06 -14.72
N ALA A 308 9.67 0.47 -14.79
CA ALA A 308 9.07 1.24 -13.70
C ALA A 308 8.87 0.37 -12.46
N GLU A 309 8.48 -0.86 -12.65
CA GLU A 309 8.44 -1.80 -11.51
C GLU A 309 9.84 -1.88 -10.87
N LEU A 310 10.89 -2.04 -11.68
CA LEU A 310 12.24 -2.20 -11.16
C LEU A 310 12.66 -1.00 -10.31
N THR A 311 12.38 0.22 -10.80
CA THR A 311 12.80 1.42 -10.07
C THR A 311 11.98 1.66 -8.79
N ALA A 312 10.75 1.20 -8.78
CA ALA A 312 9.93 1.28 -7.59
C ALA A 312 10.39 0.29 -6.52
N GLY A 313 11.10 -0.76 -6.95
CA GLY A 313 11.68 -1.77 -6.08
C GLY A 313 11.07 -3.16 -6.23
N TYR A 314 10.28 -3.37 -7.28
CA TYR A 314 9.64 -4.64 -7.58
C TYR A 314 10.38 -5.32 -8.71
N TYR A 315 11.21 -6.29 -8.35
CA TYR A 315 12.11 -6.95 -9.30
C TYR A 315 11.33 -8.03 -10.05
N ASN A 316 10.53 -7.55 -10.98
CA ASN A 316 9.51 -8.36 -11.68
C ASN A 316 9.85 -8.46 -13.15
N LEU A 317 10.09 -9.66 -13.64
CA LEU A 317 10.39 -9.90 -15.06
C LEU A 317 9.58 -11.11 -15.60
N HIS A 318 9.64 -11.40 -16.90
CA HIS A 318 8.86 -12.50 -17.50
CA HIS A 318 8.82 -12.49 -17.46
C HIS A 318 9.12 -13.84 -16.78
N ASP A 319 10.35 -14.03 -16.33
CA ASP A 319 10.80 -15.25 -15.69
C ASP A 319 11.10 -15.10 -14.21
N ARG A 320 10.66 -13.99 -13.58
CA ARG A 320 10.98 -13.77 -12.16
C ARG A 320 9.80 -13.10 -11.50
N ASP A 321 9.17 -13.82 -10.58
CA ASP A 321 7.96 -13.27 -9.93
C ASP A 321 8.33 -12.38 -8.77
N GLY A 322 8.37 -11.07 -9.02
CA GLY A 322 8.77 -10.11 -8.00
C GLY A 322 7.72 -9.77 -6.96
N TYR A 323 6.51 -10.35 -7.07
CA TYR A 323 5.46 -10.16 -6.09
C TYR A 323 5.27 -11.39 -5.22
N ARG A 324 5.55 -12.58 -5.74
CA ARG A 324 5.44 -13.75 -4.92
C ARG A 324 6.55 -13.85 -3.88
N THR A 325 7.72 -13.27 -4.15
CA THR A 325 8.73 -13.14 -3.09
C THR A 325 8.17 -12.30 -1.94
N ILE A 326 7.60 -11.15 -2.25
CA ILE A 326 6.99 -10.30 -1.24
C ILE A 326 5.92 -11.09 -0.45
N ALA A 327 5.07 -11.80 -1.18
CA ALA A 327 4.03 -12.58 -0.54
C ALA A 327 4.60 -13.62 0.39
N ARG A 328 5.67 -14.28 -0.03
CA ARG A 328 6.30 -15.28 0.81
C ARG A 328 6.84 -14.68 2.12
N MET A 329 7.38 -13.47 2.07
CA MET A 329 7.83 -12.79 3.30
C MET A 329 6.69 -12.47 4.23
N LEU A 330 5.50 -12.21 3.66
CA LEU A 330 4.31 -11.80 4.46
C LEU A 330 3.79 -13.02 5.23
N LYS A 331 4.05 -14.21 4.71
CA LYS A 331 3.37 -15.42 5.17
C LYS A 331 3.54 -15.65 6.67
N ARG A 332 4.76 -15.55 7.16
CA ARG A 332 4.99 -15.84 8.59
C ARG A 332 4.21 -14.91 9.53
N HIS A 333 3.96 -13.70 9.06
CA HIS A 333 3.30 -12.70 9.88
C HIS A 333 1.79 -12.85 9.84
N ARG A 334 1.31 -13.70 8.96
CA ARG A 334 -0.11 -13.75 8.55
C ARG A 334 -0.60 -12.42 8.08
N ALA A 335 0.29 -11.70 7.40
CA ALA A 335 -0.05 -10.40 6.84
C ALA A 335 -0.73 -10.55 5.49
N SER A 336 -1.58 -9.57 5.16
CA SER A 336 -2.26 -9.53 3.90
C SER A 336 -1.64 -8.55 2.92
N ILE A 337 -1.98 -8.73 1.65
CA ILE A 337 -1.64 -7.81 0.58
C ILE A 337 -2.84 -6.93 0.30
N ASN A 338 -2.60 -5.62 0.30
CA ASN A 338 -3.56 -4.67 -0.20
C ASN A 338 -2.97 -4.13 -1.50
N PHE A 339 -3.56 -4.51 -2.64
CA PHE A 339 -3.11 -4.05 -3.94
C PHE A 339 -4.07 -3.08 -4.60
N THR A 340 -3.57 -2.28 -5.51
CA THR A 340 -4.42 -1.27 -6.20
C THR A 340 -4.69 -1.62 -7.65
N CYS A 341 -5.17 -0.64 -8.44
CA CYS A 341 -5.54 -0.84 -9.85
C CYS A 341 -6.67 -1.83 -10.12
N ALA A 342 -7.46 -2.14 -9.10
CA ALA A 342 -8.53 -3.09 -9.30
C ALA A 342 -9.65 -2.60 -10.21
N GLU A 343 -9.61 -1.33 -10.60
CA GLU A 343 -10.67 -0.71 -11.44
C GLU A 343 -10.28 -0.52 -12.89
N MET A 344 -9.03 -0.80 -13.23
CA MET A 344 -8.47 -0.44 -14.53
C MET A 344 -8.58 -1.54 -15.55
N ARG A 345 -8.97 -1.15 -16.75
CA ARG A 345 -8.82 -1.99 -17.94
C ARG A 345 -7.60 -1.53 -18.77
N ASP A 346 -6.94 -2.50 -19.41
CA ASP A 346 -5.79 -2.20 -20.23
C ASP A 346 -6.17 -1.18 -21.32
N SER A 347 -7.36 -1.29 -21.88
CA SER A 347 -7.82 -0.44 -22.99
C SER A 347 -8.02 1.00 -22.57
N GLU A 348 -8.09 1.24 -21.26
CA GLU A 348 -8.20 2.59 -20.73
C GLU A 348 -6.87 3.36 -20.67
N GLN A 349 -5.76 2.65 -20.89
CA GLN A 349 -4.42 3.23 -20.72
C GLN A 349 -3.87 3.66 -22.09
N SER A 350 -2.97 4.63 -22.05
CA SER A 350 -2.36 5.12 -23.28
C SER A 350 -1.41 4.04 -23.82
N SER A 351 -1.32 3.93 -25.15
CA SER A 351 -0.50 2.92 -25.80
C SER A 351 0.98 3.06 -25.46
N GLN A 352 1.42 4.30 -25.44
CA GLN A 352 2.83 4.58 -25.19
C GLN A 352 3.30 4.19 -23.79
N ALA A 353 2.38 4.04 -22.85
CA ALA A 353 2.74 3.64 -21.48
C ALA A 353 3.07 2.16 -21.32
N MET A 354 2.82 1.35 -22.35
CA MET A 354 3.09 -0.09 -22.32
C MET A 354 2.55 -0.74 -21.03
N SER A 355 1.30 -0.40 -20.74
CA SER A 355 0.66 -0.56 -19.44
C SER A 355 -0.29 -1.77 -19.43
N ALA A 356 -0.16 -2.61 -18.40
CA ALA A 356 -0.97 -3.83 -18.28
C ALA A 356 -1.57 -4.02 -16.87
N PRO A 357 -2.42 -3.06 -16.42
CA PRO A 357 -2.95 -3.20 -15.07
C PRO A 357 -3.70 -4.49 -14.80
N GLU A 358 -4.44 -4.99 -15.79
CA GLU A 358 -5.24 -6.24 -15.58
C GLU A 358 -4.33 -7.44 -15.25
N GLU A 359 -3.27 -7.60 -16.03
CA GLU A 359 -2.35 -8.69 -15.86
C GLU A 359 -1.55 -8.53 -14.62
N LEU A 360 -1.18 -7.30 -14.30
CA LEU A 360 -0.48 -7.04 -13.05
C LEU A 360 -1.35 -7.41 -11.85
N VAL A 361 -2.61 -6.94 -11.83
CA VAL A 361 -3.55 -7.33 -10.76
C VAL A 361 -3.64 -8.86 -10.66
N GLN A 362 -3.76 -9.51 -11.80
CA GLN A 362 -3.84 -10.95 -11.82
C GLN A 362 -2.61 -11.61 -11.26
N GLN A 363 -1.42 -11.11 -11.60
CA GLN A 363 -0.21 -11.64 -11.06
C GLN A 363 -0.12 -11.46 -9.54
N VAL A 364 -0.47 -10.27 -9.03
CA VAL A 364 -0.31 -10.00 -7.60
C VAL A 364 -1.30 -10.83 -6.81
N LEU A 365 -2.57 -10.83 -7.27
CA LEU A 365 -3.57 -11.65 -6.59
C LEU A 365 -3.16 -13.13 -6.58
N SER A 366 -2.69 -13.66 -7.70
CA SER A 366 -2.34 -15.08 -7.78
C SER A 366 -1.14 -15.38 -6.87
N ALA A 367 -0.19 -14.45 -6.79
CA ALA A 367 0.96 -14.62 -5.92
C ALA A 367 0.52 -14.74 -4.44
N GLY A 368 -0.28 -13.79 -3.99
CA GLY A 368 -0.86 -13.79 -2.67
C GLY A 368 -1.57 -15.09 -2.34
N TRP A 369 -2.48 -15.49 -3.21
CA TRP A 369 -3.25 -16.69 -2.98
C TRP A 369 -2.40 -17.95 -2.96
N ARG A 370 -1.37 -18.01 -3.78
CA ARG A 370 -0.43 -19.16 -3.76
C ARG A 370 0.38 -19.25 -2.49
N GLU A 371 0.58 -18.13 -1.82
CA GLU A 371 1.24 -18.11 -0.54
C GLU A 371 0.26 -18.19 0.63
N GLY A 372 -1.01 -18.41 0.35
CA GLY A 372 -2.01 -18.57 1.41
C GLY A 372 -2.51 -17.30 2.10
N LEU A 373 -2.24 -16.16 1.50
CA LEU A 373 -2.57 -14.90 2.05
C LEU A 373 -3.99 -14.45 1.72
N ASN A 374 -4.52 -13.63 2.61
CA ASN A 374 -5.64 -12.79 2.28
C ASN A 374 -5.16 -11.66 1.35
N VAL A 375 -5.93 -11.38 0.29
CA VAL A 375 -5.63 -10.28 -0.61
C VAL A 375 -6.83 -9.37 -0.71
N ALA A 376 -6.58 -8.07 -0.59
CA ALA A 376 -7.59 -7.00 -0.73
C ALA A 376 -7.09 -6.02 -1.78
N CYS A 377 -7.97 -5.20 -2.30
CA CYS A 377 -7.62 -4.23 -3.32
C CYS A 377 -8.23 -2.87 -3.06
N GLU A 378 -7.65 -1.86 -3.74
CA GLU A 378 -8.16 -0.49 -3.85
C GLU A 378 -8.25 -0.14 -5.33
N ASN A 379 -9.01 0.88 -5.65
CA ASN A 379 -8.89 1.51 -6.96
C ASN A 379 -7.75 2.52 -6.88
N ALA A 380 -6.99 2.60 -7.96
CA ALA A 380 -5.87 3.55 -8.09
C ALA A 380 -6.30 5.01 -8.30
N LEU A 381 -7.32 5.22 -9.11
CA LEU A 381 -7.75 6.54 -9.51
C LEU A 381 -9.26 6.68 -9.25
N PRO A 382 -9.73 7.92 -9.02
CA PRO A 382 -11.18 8.07 -8.79
C PRO A 382 -12.00 7.64 -10.01
N ARG A 383 -13.03 6.86 -9.72
CA ARG A 383 -13.96 6.38 -10.76
C ARG A 383 -15.32 6.28 -10.14
N TYR A 384 -16.33 6.72 -10.90
CA TYR A 384 -17.72 6.72 -10.45
C TYR A 384 -18.67 5.92 -11.38
N ASP A 385 -18.12 5.41 -12.49
CA ASP A 385 -18.88 4.77 -13.59
C ASP A 385 -19.08 3.26 -13.48
N PRO A 386 -20.20 2.74 -14.06
CA PRO A 386 -20.48 1.31 -13.96
C PRO A 386 -19.34 0.41 -14.47
N THR A 387 -18.65 0.81 -15.53
CA THR A 387 -17.54 -0.01 -16.05
C THR A 387 -16.45 -0.24 -15.00
N ALA A 388 -16.02 0.82 -14.31
CA ALA A 388 -15.02 0.72 -13.23
C ALA A 388 -15.52 -0.24 -12.15
N TYR A 389 -16.80 -0.13 -11.77
CA TYR A 389 -17.30 -1.03 -10.75
C TYR A 389 -17.36 -2.49 -11.21
N ASN A 390 -17.69 -2.69 -12.48
CA ASN A 390 -17.74 -4.03 -13.08
C ASN A 390 -16.32 -4.62 -13.20
N THR A 391 -15.32 -3.80 -13.46
CA THR A 391 -13.90 -4.27 -13.40
C THR A 391 -13.44 -4.68 -12.00
N ILE A 392 -13.78 -3.87 -11.01
CA ILE A 392 -13.57 -4.24 -9.60
C ILE A 392 -14.26 -5.56 -9.27
N LEU A 393 -15.52 -5.69 -9.64
CA LEU A 393 -16.26 -6.94 -9.39
C LEU A 393 -15.59 -8.18 -9.98
N ARG A 394 -15.10 -8.05 -11.20
CA ARG A 394 -14.37 -9.12 -11.86
C ARG A 394 -13.19 -9.54 -11.01
N ASN A 395 -12.39 -8.56 -10.59
CA ASN A 395 -11.20 -8.84 -9.79
C ASN A 395 -11.53 -9.39 -8.41
N ALA A 396 -12.68 -8.96 -7.85
CA ALA A 396 -13.16 -9.42 -6.53
C ALA A 396 -13.50 -10.91 -6.47
N ARG A 397 -14.04 -11.40 -7.58
CA ARG A 397 -14.43 -12.82 -7.72
C ARG A 397 -14.02 -13.26 -9.15
N PRO A 398 -12.75 -13.59 -9.32
CA PRO A 398 -12.24 -13.87 -10.67
C PRO A 398 -12.90 -15.06 -11.35
N HIS A 399 -13.44 -15.99 -10.57
CA HIS A 399 -14.08 -17.16 -11.17
C HIS A 399 -15.59 -17.03 -11.11
N GLY A 400 -16.08 -15.83 -10.77
CA GLY A 400 -17.49 -15.55 -10.55
C GLY A 400 -18.06 -16.14 -9.27
N ILE A 401 -19.39 -16.31 -9.25
CA ILE A 401 -20.15 -16.79 -8.09
C ILE A 401 -20.13 -18.31 -8.01
N ASN A 402 -19.91 -18.88 -6.82
CA ASN A 402 -20.21 -20.30 -6.58
C ASN A 402 -21.58 -20.36 -5.93
N GLN A 403 -22.51 -21.09 -6.54
CA GLN A 403 -23.90 -21.12 -6.04
C GLN A 403 -24.12 -21.82 -4.68
N SER A 404 -23.23 -22.74 -4.29
CA SER A 404 -23.44 -23.61 -3.13
C SER A 404 -22.49 -23.40 -1.91
N GLY A 405 -21.52 -22.49 -2.04
CA GLY A 405 -20.44 -22.35 -1.06
C GLY A 405 -19.42 -21.31 -1.52
N PRO A 406 -18.31 -21.16 -0.77
CA PRO A 406 -17.30 -20.12 -1.07
C PRO A 406 -16.69 -20.35 -2.47
N PRO A 407 -16.38 -19.27 -3.21
CA PRO A 407 -15.70 -19.51 -4.52
C PRO A 407 -14.26 -19.97 -4.31
N GLU A 408 -13.54 -20.32 -5.37
CA GLU A 408 -12.21 -20.88 -5.23
C GLU A 408 -11.21 -19.81 -4.78
N HIS A 409 -11.36 -18.60 -5.32
CA HIS A 409 -10.57 -17.40 -4.97
C HIS A 409 -11.47 -16.18 -4.90
N LYS A 410 -11.20 -15.29 -3.96
CA LYS A 410 -12.01 -14.06 -3.85
C LYS A 410 -11.18 -13.02 -3.12
N LEU A 411 -11.39 -11.75 -3.39
CA LEU A 411 -10.75 -10.73 -2.54
C LEU A 411 -11.38 -10.82 -1.15
N PHE A 412 -10.55 -10.63 -0.12
CA PHE A 412 -10.96 -10.54 1.29
C PHE A 412 -11.69 -9.22 1.55
N GLY A 413 -11.44 -8.24 0.72
CA GLY A 413 -11.97 -6.90 0.91
C GLY A 413 -11.63 -6.00 -0.23
N PHE A 414 -12.40 -4.93 -0.39
CA PHE A 414 -12.10 -3.87 -1.33
C PHE A 414 -12.30 -2.54 -0.65
N THR A 415 -11.33 -1.64 -0.83
CA THR A 415 -11.46 -0.27 -0.28
C THR A 415 -11.48 0.77 -1.37
N TYR A 416 -12.58 1.53 -1.39
CA TYR A 416 -12.83 2.56 -2.40
C TYR A 416 -12.20 3.90 -2.03
N LEU A 417 -11.41 4.43 -2.96
CA LEU A 417 -10.81 5.74 -2.91
C LEU A 417 -11.67 6.72 -3.72
N ARG A 418 -12.31 7.71 -3.12
CA ARG A 418 -12.41 7.92 -1.67
C ARG A 418 -13.71 8.68 -1.42
N LEU A 419 -14.12 8.73 -0.16
CA LEU A 419 -15.30 9.47 0.23
C LEU A 419 -15.14 10.94 -0.10
N SER A 420 -16.18 11.49 -0.70
CA SER A 420 -16.35 12.92 -0.85
C SER A 420 -17.84 13.21 -1.00
N ASN A 421 -18.20 14.48 -0.95
CA ASN A 421 -19.59 14.88 -1.22
C ASN A 421 -20.05 14.46 -2.62
N GLN A 422 -19.14 14.49 -3.60
CA GLN A 422 -19.41 14.09 -5.01
C GLN A 422 -19.89 12.64 -5.12
N LEU A 423 -19.31 11.77 -4.29
CA LEU A 423 -19.61 10.35 -4.29
C LEU A 423 -21.04 10.05 -3.89
N VAL A 424 -21.51 10.74 -2.88
CA VAL A 424 -22.75 10.37 -2.22
C VAL A 424 -23.96 11.18 -2.68
N GLU A 425 -23.87 11.73 -3.89
CA GLU A 425 -25.05 12.38 -4.46
C GLU A 425 -25.29 11.89 -5.86
N GLY A 426 -26.53 12.11 -6.31
CA GLY A 426 -26.90 11.92 -7.70
C GLY A 426 -26.61 10.55 -8.27
N GLN A 427 -26.24 10.55 -9.54
CA GLN A 427 -25.92 9.33 -10.24
C GLN A 427 -24.72 8.56 -9.64
N ASN A 428 -23.69 9.29 -9.19
CA ASN A 428 -22.51 8.67 -8.58
C ASN A 428 -22.95 7.78 -7.41
N TYR A 429 -23.84 8.29 -6.58
CA TYR A 429 -24.31 7.51 -5.45
C TYR A 429 -25.10 6.27 -5.85
N ALA A 430 -26.01 6.42 -6.81
CA ALA A 430 -26.80 5.30 -7.30
C ALA A 430 -25.88 4.18 -7.81
N ASN A 431 -24.84 4.55 -8.58
CA ASN A 431 -23.87 3.60 -9.11
C ASN A 431 -23.11 2.91 -7.99
N PHE A 432 -22.72 3.70 -7.00
CA PHE A 432 -21.97 3.16 -5.88
C PHE A 432 -22.80 2.20 -5.06
N LYS A 433 -24.05 2.54 -4.75
CA LYS A 433 -24.92 1.65 -3.95
C LYS A 433 -25.11 0.32 -4.63
N THR A 434 -25.33 0.35 -5.94
CA THR A 434 -25.52 -0.89 -6.70
C THR A 434 -24.22 -1.73 -6.68
N PHE A 435 -23.07 -1.09 -6.87
CA PHE A 435 -21.76 -1.75 -6.71
C PHE A 435 -21.66 -2.50 -5.40
N VAL A 436 -22.00 -1.83 -4.30
CA VAL A 436 -21.94 -2.49 -3.00
C VAL A 436 -22.88 -3.70 -2.93
N ASP A 437 -24.09 -3.59 -3.47
CA ASP A 437 -24.99 -4.74 -3.45
C ASP A 437 -24.30 -5.91 -4.17
N ARG A 438 -23.76 -5.65 -5.34
CA ARG A 438 -23.11 -6.73 -6.13
C ARG A 438 -21.89 -7.36 -5.46
N MET A 439 -21.06 -6.53 -4.85
CA MET A 439 -19.93 -7.03 -4.08
C MET A 439 -20.45 -7.95 -2.98
N HIS A 440 -21.57 -7.57 -2.37
CA HIS A 440 -22.22 -8.41 -1.32
C HIS A 440 -23.07 -9.57 -1.88
N ALA A 441 -22.94 -9.82 -3.18
CA ALA A 441 -23.69 -10.91 -3.85
C ALA A 441 -25.18 -10.72 -3.63
N ASN A 442 -25.60 -9.44 -3.62
CA ASN A 442 -26.99 -9.03 -3.46
C ASN A 442 -27.61 -9.39 -2.13
N LEU A 443 -26.74 -9.52 -1.13
CA LEU A 443 -27.16 -9.82 0.25
C LEU A 443 -27.09 -8.53 1.05
N PRO A 444 -27.81 -8.45 2.17
CA PRO A 444 -27.63 -7.27 3.03
C PRO A 444 -26.30 -7.26 3.77
N ARG A 445 -25.95 -6.12 4.35
CA ARG A 445 -24.71 -6.01 5.08
CA ARG A 445 -24.70 -6.01 5.07
C ARG A 445 -24.67 -7.04 6.20
N ASP A 446 -23.54 -7.72 6.34
CA ASP A 446 -23.37 -8.74 7.39
C ASP A 446 -22.33 -8.21 8.36
N PRO A 447 -22.77 -7.76 9.52
CA PRO A 447 -21.83 -7.18 10.47
C PRO A 447 -20.89 -8.21 11.08
N TYR A 448 -21.20 -9.50 10.91
CA TYR A 448 -20.43 -10.61 11.52
C TYR A 448 -19.45 -11.25 10.52
N VAL A 449 -19.38 -10.71 9.31
CA VAL A 449 -18.67 -11.42 8.24
C VAL A 449 -17.16 -11.43 8.49
N ASP A 450 -16.50 -12.51 8.08
CA ASP A 450 -15.03 -12.56 8.06
C ASP A 450 -14.42 -12.28 9.43
N PRO A 451 -14.85 -13.02 10.45
CA PRO A 451 -14.29 -12.72 11.76
C PRO A 451 -12.79 -13.09 11.83
N MET A 452 -12.00 -12.29 12.56
CA MET A 452 -10.53 -12.48 12.67
CA MET A 452 -10.54 -12.46 12.69
C MET A 452 -10.22 -13.19 13.99
N ALA A 453 -9.38 -14.24 13.94
CA ALA A 453 -8.92 -14.90 15.16
C ALA A 453 -7.93 -13.97 15.86
N PRO A 454 -7.71 -14.15 17.16
CA PRO A 454 -6.65 -13.35 17.78
C PRO A 454 -5.35 -13.52 17.02
N LEU A 455 -4.68 -12.41 16.75
CA LEU A 455 -3.49 -12.46 15.95
C LEU A 455 -2.39 -13.28 16.64
N PRO A 456 -1.96 -14.38 15.98
CA PRO A 456 -0.85 -15.18 16.48
C PRO A 456 0.52 -14.52 16.20
N ARG A 457 1.52 -14.90 16.97
CA ARG A 457 2.88 -14.40 16.72
C ARG A 457 3.42 -14.88 15.38
N SER A 458 4.19 -14.01 14.75
CA SER A 458 4.89 -14.31 13.52
C SER A 458 5.67 -15.60 13.67
N GLY A 459 5.65 -16.40 12.61
CA GLY A 459 6.45 -17.61 12.56
C GLY A 459 7.91 -17.30 12.42
N PRO A 460 8.75 -18.35 12.35
CA PRO A 460 10.19 -18.18 12.25
C PRO A 460 10.65 -17.27 11.13
N GLU A 461 11.58 -16.38 11.43
CA GLU A 461 12.21 -15.54 10.41
C GLU A 461 12.84 -16.44 9.36
N ILE A 462 12.63 -16.11 8.10
CA ILE A 462 13.21 -16.88 7.03
C ILE A 462 14.17 -15.96 6.30
N SER A 463 15.20 -16.55 5.73
CA SER A 463 16.22 -15.78 5.09
C SER A 463 15.74 -15.23 3.77
N ILE A 464 16.48 -14.24 3.27
CA ILE A 464 16.15 -13.68 1.98
C ILE A 464 16.31 -14.75 0.92
N GLU A 465 17.31 -15.62 1.09
CA GLU A 465 17.46 -16.74 0.15
C GLU A 465 16.19 -17.63 0.14
N MET A 466 15.61 -17.87 1.31
CA MET A 466 14.40 -18.68 1.40
C MET A 466 13.20 -17.95 0.75
N ILE A 467 13.09 -16.64 0.98
CA ILE A 467 12.02 -15.80 0.38
C ILE A 467 12.10 -15.86 -1.17
N LEU A 468 13.32 -15.80 -1.66
CA LEU A 468 13.59 -15.73 -3.09
C LEU A 468 13.35 -17.05 -3.82
N GLN A 469 13.22 -18.17 -3.11
CA GLN A 469 12.79 -19.39 -3.80
CA GLN A 469 12.73 -19.43 -3.72
C GLN A 469 11.41 -19.21 -4.47
N ALA A 470 10.61 -18.25 -4.02
CA ALA A 470 9.31 -17.97 -4.59
C ALA A 470 9.38 -17.29 -5.96
N ALA A 471 10.54 -16.77 -6.33
CA ALA A 471 10.67 -15.96 -7.55
C ALA A 471 10.56 -16.81 -8.81
N GLN A 472 11.03 -18.06 -8.74
CA GLN A 472 11.13 -18.90 -9.92
C GLN A 472 10.80 -20.33 -9.55
N PRO A 473 10.24 -21.12 -10.48
CA PRO A 473 9.71 -20.72 -11.80
C PRO A 473 8.53 -19.80 -11.65
N LYS A 474 8.41 -18.86 -12.57
CA LYS A 474 7.25 -18.00 -12.63
C LYS A 474 6.05 -18.81 -13.11
N LEU A 475 4.93 -18.71 -12.41
CA LEU A 475 3.73 -19.46 -12.73
C LEU A 475 2.70 -18.56 -13.39
N GLN A 476 1.90 -19.18 -14.23
CA GLN A 476 0.81 -18.50 -14.88
C GLN A 476 -0.17 -18.09 -13.82
N PRO A 477 -0.83 -16.96 -14.01
CA PRO A 477 -1.86 -16.59 -13.06
C PRO A 477 -3.06 -17.54 -13.10
N PHE A 478 -3.87 -17.52 -12.04
CA PHE A 478 -5.14 -18.26 -12.06
C PHE A 478 -6.03 -17.60 -13.12
N PRO A 479 -6.91 -18.37 -13.75
CA PRO A 479 -7.67 -17.79 -14.87
C PRO A 479 -8.69 -16.83 -14.32
N PHE A 480 -8.82 -15.66 -14.93
CA PHE A 480 -9.80 -14.63 -14.55
C PHE A 480 -10.84 -14.55 -15.67
N GLN A 481 -12.12 -14.47 -15.31
CA GLN A 481 -13.18 -14.19 -16.28
C GLN A 481 -12.95 -12.84 -16.93
N GLU A 482 -13.30 -12.72 -18.21
CA GLU A 482 -13.17 -11.43 -18.89
C GLU A 482 -14.12 -10.40 -18.28
N HIS A 483 -15.30 -10.84 -17.90
CA HIS A 483 -16.31 -9.95 -17.37
C HIS A 483 -16.97 -10.60 -16.16
N THR A 484 -17.37 -9.77 -15.21
CA THR A 484 -18.10 -10.22 -14.05
C THR A 484 -19.42 -10.89 -14.45
N ASP A 485 -19.82 -11.93 -13.72
CA ASP A 485 -21.15 -12.55 -13.88
C ASP A 485 -22.24 -11.86 -13.07
N LEU A 486 -21.88 -10.82 -12.30
CA LEU A 486 -22.85 -10.10 -11.47
C LEU A 486 -22.65 -8.59 -11.63
N PRO A 487 -22.83 -8.10 -12.86
CA PRO A 487 -22.53 -6.70 -13.12
C PRO A 487 -23.56 -5.76 -12.48
N VAL A 488 -23.21 -4.49 -12.43
CA VAL A 488 -24.09 -3.46 -11.88
CA VAL A 488 -24.11 -3.50 -11.86
C VAL A 488 -25.38 -3.30 -12.73
N GLY A 489 -25.21 -3.23 -14.03
CA GLY A 489 -26.29 -2.82 -14.93
C GLY A 489 -26.54 -1.33 -14.79
C1 NOJ B . -2.65 4.24 -4.98
C2 NOJ B . -3.41 5.54 -5.23
O2 NOJ B . -3.25 5.91 -6.64
C3 NOJ B . -2.95 6.62 -4.22
O3 NOJ B . -3.62 7.87 -4.40
C4 NOJ B . -3.12 6.14 -2.76
O4 NOJ B . -2.51 7.08 -1.86
C5 NOJ B . -2.41 4.78 -2.58
N5 NOJ B . -2.89 3.86 -3.60
C6 NOJ B . -2.52 4.16 -1.17
O6 NOJ B . -3.89 3.95 -0.85
C1 GLC B . -3.33 8.13 -1.28
C2 GLC B . -2.39 9.13 -0.57
C3 GLC B . -1.70 8.49 0.64
C4 GLC B . -2.76 7.90 1.56
C5 GLC B . -3.71 6.96 0.80
C6 GLC B . -4.86 6.37 1.62
O2 GLC B . -1.41 9.64 -1.47
O3 GLC B . -0.84 9.47 1.26
O4 GLC B . -2.12 7.15 2.64
O5 GLC B . -4.30 7.62 -0.33
O6 GLC B . -5.69 7.41 2.07
C1 EDO C . 13.55 12.59 -5.33
O1 EDO C . 12.82 13.53 -6.12
C2 EDO C . 13.18 11.15 -5.68
O2 EDO C . 12.09 10.78 -4.84
C1 EDO D . 27.55 1.89 -5.14
O1 EDO D . 27.66 2.73 -6.30
C2 EDO D . 27.55 2.70 -3.89
O2 EDO D . 28.87 3.21 -3.73
C1 EDO E . -1.79 0.76 -3.63
O1 EDO E . -1.81 1.73 -2.63
C2 EDO E . -2.60 -0.45 -3.19
O2 EDO E . -2.38 -0.78 -1.84
#